data_5V87
#
_entry.id   5V87
#
_cell.length_a   47.959
_cell.length_b   59.962
_cell.length_c   60.321
_cell.angle_alpha   90.00
_cell.angle_beta   100.65
_cell.angle_gamma   90.00
#
_symmetry.space_group_name_H-M   'P 1 21 1'
#
loop_
_entity.id
_entity.type
_entity.pdbx_description
1 polymer 'La-related protein 1'
2 non-polymer "7N-METHYL-8-HYDROGUANOSINE-5'-TRIPHOSPHATE"
3 non-polymer '[[(2~{R},3~{S},4~{R},5~{R})-5-(2-azanyl-7-methyl-6-oxidanylidene-1~{H}-purin-9-ium-9-yl)-3,4-bis(oxidanyl)oxolan-2-yl]methoxy-oxidanyl-phosphoryl] [[(2~{R},3~{S},4~{R},5~{R})-5-(4-azanyl-2-oxidanylidene-pyrimidin-1-yl)-3,4-bis(oxidanyl)oxolan-2-yl]methoxy-oxidanyl-phosphoryl] hydrogen phosphate'
4 water water
#
_entity_poly.entity_id   1
_entity_poly.type   'polypeptide(L)'
_entity_poly.pdbx_seq_one_letter_code
;GHSGGGGGGHMQHPSHELLKENGFTQHVYHKYRRRCLNERKRLGIGQSQEMNTLFRFWSFFLRDHFNKKMYEEFKQLALE
DAKEGYRYGLECLFRYYSYGLEKKFRLDIFKDFQEETVKDYEAGQLYGLEKFWAFLKYSKAKNLDIDPKLQEYLGKFRRL
ED
;
_entity_poly.pdbx_strand_id   A,B
#
# COMPACT_ATOMS: atom_id res chain seq x y z
N HIS A 10 -2.03 -28.79 -12.59
CA HIS A 10 -1.68 -28.53 -13.98
C HIS A 10 -1.70 -27.05 -14.32
N MET A 11 -2.57 -26.29 -13.64
CA MET A 11 -2.75 -24.87 -13.92
C MET A 11 -1.89 -23.98 -13.04
N GLN A 12 -0.97 -24.56 -12.28
CA GLN A 12 -0.08 -23.82 -11.40
C GLN A 12 0.62 -22.67 -12.13
N HIS A 13 0.46 -21.45 -11.63
CA HIS A 13 1.26 -20.35 -12.13
C HIS A 13 2.73 -20.57 -11.77
N PRO A 14 3.66 -20.22 -12.65
CA PRO A 14 5.08 -20.44 -12.34
C PRO A 14 5.50 -19.87 -10.99
N SER A 15 5.01 -18.68 -10.63
CA SER A 15 5.41 -18.10 -9.35
C SER A 15 4.93 -18.95 -8.19
N HIS A 16 3.73 -19.53 -8.30
CA HIS A 16 3.26 -20.43 -7.26
C HIS A 16 4.15 -21.66 -7.15
N GLU A 17 4.52 -22.25 -8.29
CA GLU A 17 5.41 -23.40 -8.24
C GLU A 17 6.75 -23.03 -7.62
N LEU A 18 7.31 -21.88 -8.02
CA LEU A 18 8.61 -21.48 -7.52
C LEU A 18 8.60 -21.17 -6.03
N LEU A 19 7.46 -20.79 -5.45
CA LEU A 19 7.39 -20.43 -4.04
C LEU A 19 7.11 -21.63 -3.13
N LYS A 20 6.86 -22.81 -3.71
CA LYS A 20 6.65 -23.99 -2.89
C LYS A 20 7.95 -24.45 -2.25
N GLU A 21 7.83 -25.08 -1.09
CA GLU A 21 8.99 -25.63 -0.38
C GLU A 21 9.58 -26.82 -1.15
N GLY A 23 11.18 -26.17 -4.27
CA GLY A 23 10.20 -25.80 -5.28
C GLY A 23 10.77 -24.92 -6.37
N PHE A 24 11.85 -24.23 -6.05
CA PHE A 24 12.51 -23.33 -6.99
C PHE A 24 13.56 -24.08 -7.80
N THR A 25 13.52 -23.92 -9.12
CA THR A 25 14.57 -24.40 -10.00
C THR A 25 14.96 -23.28 -10.96
N GLN A 26 16.23 -23.25 -11.35
CA GLN A 26 16.70 -22.21 -12.24
C GLN A 26 16.01 -22.29 -13.61
N HIS A 27 15.76 -23.50 -14.09
CA HIS A 27 15.16 -23.65 -15.41
C HIS A 27 13.78 -23.00 -15.48
N VAL A 28 12.95 -23.24 -14.46
CA VAL A 28 11.60 -22.67 -14.47
C VAL A 28 11.66 -21.17 -14.24
N TYR A 29 12.56 -20.72 -13.35
CA TYR A 29 12.66 -19.29 -13.07
C TYR A 29 13.19 -18.52 -14.28
N HIS A 30 14.20 -19.07 -14.98
CA HIS A 30 14.75 -18.35 -16.12
C HIS A 30 13.68 -18.05 -17.17
N LYS A 31 12.90 -19.07 -17.54
CA LYS A 31 11.88 -18.90 -18.56
C LYS A 31 10.81 -17.90 -18.10
N TYR A 32 10.41 -18.00 -16.83
CA TYR A 32 9.40 -17.13 -16.27
C TYR A 32 9.87 -15.67 -16.23
N ARG A 33 11.04 -15.44 -15.61
CA ARG A 33 11.61 -14.10 -15.58
C ARG A 33 11.73 -13.51 -16.97
N ARG A 34 12.19 -14.29 -17.95
CA ARG A 34 12.39 -13.76 -19.29
C ARG A 34 11.08 -13.29 -19.89
N ARG A 35 10.03 -14.10 -19.74
CA ARG A 35 8.71 -13.74 -20.26
C ARG A 35 8.19 -12.47 -19.61
N CYS A 36 8.32 -12.37 -18.29
CA CYS A 36 7.86 -11.17 -17.59
C CYS A 36 8.60 -9.94 -18.09
N LEU A 37 9.93 -10.00 -18.13
CA LEU A 37 10.70 -8.84 -18.57
C LEU A 37 10.39 -8.46 -20.00
N ASN A 38 10.19 -9.47 -20.87
CA ASN A 38 9.87 -9.20 -22.27
C ASN A 38 8.51 -8.51 -22.39
N GLU A 39 7.56 -8.88 -21.53
CA GLU A 39 6.26 -8.21 -21.52
C GLU A 39 6.37 -6.76 -21.03
N ARG A 40 7.18 -6.54 -19.99
CA ARG A 40 7.40 -5.17 -19.54
C ARG A 40 8.00 -4.33 -20.65
N LYS A 41 8.94 -4.90 -21.40
CA LYS A 41 9.58 -4.15 -22.49
C LYS A 41 8.61 -3.88 -23.63
N ARG A 42 7.71 -4.83 -23.91
CA ARG A 42 6.85 -4.68 -25.08
C ARG A 42 5.63 -3.82 -24.77
N LEU A 43 4.94 -4.11 -23.66
CA LEU A 43 3.73 -3.41 -23.30
C LEU A 43 4.01 -2.09 -22.60
N GLY A 44 5.14 -1.99 -21.93
CA GLY A 44 5.56 -0.78 -21.25
C GLY A 44 5.52 -0.93 -19.74
N ILE A 45 6.29 -0.06 -19.08
CA ILE A 45 6.32 -0.02 -17.62
C ILE A 45 4.90 0.17 -17.10
N GLY A 46 4.51 -0.66 -16.13
CA GLY A 46 3.19 -0.55 -15.52
C GLY A 46 2.05 -1.11 -16.32
N GLN A 47 2.32 -1.67 -17.50
CA GLN A 47 1.30 -2.20 -18.38
C GLN A 47 1.22 -3.72 -18.41
N SER A 48 2.09 -4.43 -17.71
CA SER A 48 2.15 -5.89 -17.77
C SER A 48 1.75 -6.50 -16.44
N GLN A 49 0.66 -7.29 -16.43
CA GLN A 49 0.28 -7.98 -15.20
C GLN A 49 1.20 -9.15 -14.90
N GLU A 50 1.78 -9.77 -15.93
CA GLU A 50 2.80 -10.77 -15.65
C GLU A 50 3.97 -10.16 -14.90
N MET A 51 4.39 -8.96 -15.28
CA MET A 51 5.47 -8.33 -14.53
C MET A 51 5.06 -8.13 -13.08
N ASN A 52 3.79 -7.80 -12.84
CA ASN A 52 3.34 -7.65 -11.45
C ASN A 52 3.47 -8.95 -10.69
N THR A 53 3.21 -10.09 -11.34
CA THR A 53 3.39 -11.35 -10.62
C THR A 53 4.85 -11.58 -10.25
N LEU A 54 5.78 -11.12 -11.09
CA LEU A 54 7.21 -11.26 -10.79
C LEU A 54 7.60 -10.40 -9.59
N PHE A 55 7.06 -9.17 -9.50
CA PHE A 55 7.32 -8.34 -8.34
C PHE A 55 6.85 -9.02 -7.08
N ARG A 56 5.66 -9.62 -7.14
CA ARG A 56 5.10 -10.32 -5.98
C ARG A 56 5.94 -11.54 -5.64
N PHE A 57 6.38 -12.30 -6.65
CA PHE A 57 7.25 -13.44 -6.40
C PHE A 57 8.51 -13.02 -5.66
N TRP A 58 9.19 -11.99 -6.17
CA TRP A 58 10.40 -11.51 -5.50
C TRP A 58 10.12 -11.09 -4.07
N SER A 59 9.00 -10.40 -3.85
CA SER A 59 8.70 -9.90 -2.51
C SER A 59 8.66 -11.03 -1.51
N PHE A 60 8.09 -12.16 -1.90
CA PHE A 60 8.02 -13.30 -0.98
C PHE A 60 9.25 -14.18 -1.05
N PHE A 61 9.74 -14.48 -2.27
CA PHE A 61 10.84 -15.43 -2.40
C PHE A 61 12.08 -14.96 -1.66
N LEU A 62 12.38 -13.65 -1.71
CA LEU A 62 13.62 -13.17 -1.13
C LEU A 62 13.58 -13.21 0.38
N ARG A 63 12.38 -13.30 0.98
CA ARG A 63 12.30 -13.39 2.43
C ARG A 63 13.00 -14.64 2.95
N ASP A 64 12.93 -15.73 2.19
CA ASP A 64 13.45 -17.02 2.63
C ASP A 64 14.68 -17.46 1.85
N HIS A 65 14.92 -16.86 0.67
CA HIS A 65 16.00 -17.26 -0.22
C HIS A 65 16.64 -15.99 -0.79
N PHE A 66 17.32 -15.25 0.06
CA PHE A 66 17.93 -14.01 -0.41
C PHE A 66 19.02 -14.29 -1.44
N ASN A 67 19.08 -13.46 -2.47
CA ASN A 67 20.19 -13.46 -3.41
C ASN A 67 20.43 -12.03 -3.84
N LYS A 68 21.71 -11.62 -3.86
CA LYS A 68 22.05 -10.22 -4.05
CA LYS A 68 22.07 -10.22 -4.05
C LYS A 68 21.59 -9.71 -5.41
N LYS A 69 21.92 -10.42 -6.48
CA LYS A 69 21.57 -9.90 -7.80
C LYS A 69 20.05 -9.88 -8.03
N MET A 70 19.33 -10.89 -7.55
CA MET A 70 17.88 -10.88 -7.67
C MET A 70 17.28 -9.71 -6.89
N TYR A 71 17.74 -9.51 -5.65
CA TYR A 71 17.29 -8.34 -4.89
C TYR A 71 17.61 -7.04 -5.64
N GLU A 72 18.81 -6.92 -6.20
CA GLU A 72 19.16 -5.66 -6.85
CA GLU A 72 19.18 -5.67 -6.87
C GLU A 72 18.28 -5.41 -8.06
N GLU A 73 17.95 -6.47 -8.80
CA GLU A 73 17.06 -6.31 -9.97
C GLU A 73 15.67 -5.89 -9.53
N PHE A 74 15.13 -6.58 -8.51
CA PHE A 74 13.84 -6.24 -7.93
C PHE A 74 13.81 -4.76 -7.56
N LYS A 75 14.82 -4.31 -6.81
CA LYS A 75 14.83 -2.93 -6.32
C LYS A 75 14.89 -1.97 -7.50
N GLN A 76 15.77 -2.26 -8.48
CA GLN A 76 15.95 -1.34 -9.59
C GLN A 76 14.66 -1.18 -10.37
N LEU A 77 14.00 -2.30 -10.67
CA LEU A 77 12.81 -2.24 -11.50
C LEU A 77 11.64 -1.65 -10.73
N ALA A 78 11.56 -1.96 -9.43
CA ALA A 78 10.50 -1.36 -8.61
C ALA A 78 10.63 0.16 -8.59
N LEU A 79 11.86 0.66 -8.43
CA LEU A 79 12.06 2.11 -8.38
C LEU A 79 11.79 2.73 -9.73
N GLU A 80 12.22 2.07 -10.81
N GLU A 80 12.18 2.06 -10.81
CA GLU A 80 11.93 2.57 -12.15
CA GLU A 80 11.93 2.63 -12.13
C GLU A 80 10.44 2.74 -12.36
C GLU A 80 10.44 2.74 -12.39
N ASP A 81 9.68 1.70 -12.02
CA ASP A 81 8.23 1.75 -12.18
C ASP A 81 7.63 2.87 -11.34
N ALA A 82 8.09 2.98 -10.08
CA ALA A 82 7.51 3.97 -9.19
C ALA A 82 7.74 5.39 -9.70
N LYS A 83 8.92 5.64 -10.30
CA LYS A 83 9.20 6.97 -10.84
C LYS A 83 8.23 7.32 -11.96
N GLU A 84 7.84 6.33 -12.76
CA GLU A 84 6.88 6.57 -13.82
C GLU A 84 5.45 6.63 -13.32
N GLY A 85 5.23 6.31 -12.03
CA GLY A 85 3.92 6.42 -11.42
C GLY A 85 3.22 5.10 -11.13
N TYR A 86 3.89 3.97 -11.29
CA TYR A 86 3.28 2.64 -11.14
C TYR A 86 3.90 2.01 -9.92
N ARG A 87 3.14 1.95 -8.83
CA ARG A 87 3.77 1.74 -7.53
C ARG A 87 3.74 0.31 -7.02
N TYR A 88 3.17 -0.65 -7.76
CA TYR A 88 3.07 -1.98 -7.19
C TYR A 88 4.44 -2.59 -6.89
N GLY A 89 5.39 -2.44 -7.81
CA GLY A 89 6.72 -2.97 -7.51
C GLY A 89 7.30 -2.45 -6.21
N LEU A 90 7.17 -1.14 -5.98
CA LEU A 90 7.73 -0.56 -4.78
C LEU A 90 6.95 -0.98 -3.55
N GLU A 91 5.63 -1.14 -3.68
CA GLU A 91 4.87 -1.67 -2.55
C GLU A 91 5.36 -3.08 -2.22
N CYS A 92 5.62 -3.88 -3.24
CA CYS A 92 6.17 -5.21 -3.04
C CYS A 92 7.52 -5.13 -2.36
N LEU A 93 8.35 -4.15 -2.76
CA LEU A 93 9.68 -4.00 -2.16
C LEU A 93 9.58 -3.62 -0.70
N PHE A 94 8.69 -2.69 -0.34
CA PHE A 94 8.56 -2.33 1.07
C PHE A 94 8.03 -3.50 1.89
N ARG A 95 7.16 -4.33 1.32
CA ARG A 95 6.72 -5.52 2.06
C ARG A 95 7.88 -6.48 2.25
N TYR A 96 8.69 -6.68 1.20
CA TYR A 96 9.89 -7.48 1.36
C TYR A 96 10.74 -6.93 2.52
N TYR A 97 10.98 -5.61 2.54
CA TYR A 97 11.83 -5.07 3.60
C TYR A 97 11.26 -5.38 4.97
N SER A 98 9.98 -5.05 5.16
CA SER A 98 9.44 -5.10 6.52
C SER A 98 9.33 -6.53 7.00
N TYR A 99 8.80 -7.41 6.17
CA TYR A 99 8.65 -8.81 6.58
C TYR A 99 9.96 -9.56 6.48
N GLY A 100 10.73 -9.31 5.43
CA GLY A 100 11.98 -10.03 5.24
C GLY A 100 13.00 -9.73 6.32
N LEU A 101 13.19 -8.46 6.66
CA LEU A 101 14.21 -8.12 7.65
C LEU A 101 13.76 -8.48 9.06
N GLU A 102 12.45 -8.59 9.30
CA GLU A 102 12.01 -9.16 10.57
C GLU A 102 12.44 -10.61 10.69
N LYS A 103 12.28 -11.38 9.61
CA LYS A 103 12.60 -12.81 9.62
C LYS A 103 14.09 -13.03 9.80
N LYS A 104 14.92 -12.26 9.10
CA LYS A 104 16.37 -12.34 9.30
C LYS A 104 16.92 -10.95 9.05
N PHE A 105 17.43 -10.32 10.10
CA PHE A 105 17.98 -9.00 9.94
C PHE A 105 19.25 -9.06 9.09
N ARG A 106 19.36 -8.10 8.17
CA ARG A 106 20.51 -7.96 7.29
C ARG A 106 20.94 -6.50 7.33
N LEU A 107 22.16 -6.25 7.76
CA LEU A 107 22.57 -4.88 8.01
C LEU A 107 22.57 -4.07 6.72
N ASP A 108 23.07 -4.65 5.63
CA ASP A 108 23.12 -3.91 4.38
C ASP A 108 21.72 -3.66 3.82
N ILE A 109 20.84 -4.65 3.89
CA ILE A 109 19.49 -4.44 3.37
C ILE A 109 18.72 -3.43 4.23
N PHE A 110 18.99 -3.41 5.55
CA PHE A 110 18.35 -2.42 6.41
C PHE A 110 18.73 -1.00 6.00
N LYS A 111 19.99 -0.78 5.59
CA LYS A 111 20.37 0.56 5.16
C LYS A 111 19.57 0.97 3.94
N ASP A 112 19.38 0.04 2.99
CA ASP A 112 18.53 0.32 1.82
C ASP A 112 17.09 0.62 2.24
N PHE A 113 16.56 -0.19 3.16
CA PHE A 113 15.22 0.04 3.69
C PHE A 113 15.08 1.49 4.18
N GLN A 114 16.04 1.96 4.99
CA GLN A 114 15.96 3.34 5.47
C GLN A 114 16.02 4.32 4.31
N GLU A 115 16.93 4.10 3.36
CA GLU A 115 17.09 5.01 2.24
C GLU A 115 15.81 5.13 1.43
N GLU A 116 15.19 4.00 1.10
CA GLU A 116 13.98 4.04 0.28
C GLU A 116 12.79 4.58 1.04
N THR A 117 12.73 4.34 2.37
CA THR A 117 11.67 4.94 3.18
C THR A 117 11.80 6.46 3.19
N VAL A 118 13.02 6.97 3.36
CA VAL A 118 13.22 8.43 3.32
C VAL A 118 12.74 9.00 2.00
N LYS A 119 13.17 8.38 0.89
CA LYS A 119 12.72 8.84 -0.42
C LYS A 119 11.20 8.85 -0.52
N ASP A 120 10.57 7.75 -0.10
CA ASP A 120 9.11 7.63 -0.25
C ASP A 120 8.39 8.71 0.55
N TYR A 121 8.86 8.96 1.78
CA TYR A 121 8.24 9.98 2.61
C TYR A 121 8.43 11.36 1.99
N GLU A 122 9.62 11.62 1.46
CA GLU A 122 9.87 12.92 0.84
C GLU A 122 9.13 13.09 -0.48
N ALA A 123 8.66 12.00 -1.07
CA ALA A 123 7.76 12.07 -2.22
C ALA A 123 6.30 12.22 -1.81
N GLY A 124 6.02 12.39 -0.52
CA GLY A 124 4.67 12.63 -0.06
C GLY A 124 3.82 11.39 0.07
N GLN A 125 4.46 10.22 0.14
CA GLN A 125 3.80 8.95 0.36
C GLN A 125 4.01 8.54 1.81
N LEU A 126 3.13 7.67 2.30
CA LEU A 126 3.29 7.08 3.62
C LEU A 126 3.27 5.56 3.61
N TYR A 127 3.14 4.93 2.44
CA TYR A 127 3.15 3.47 2.38
C TYR A 127 4.47 2.93 2.95
N GLY A 128 5.60 3.48 2.50
CA GLY A 128 6.90 3.01 2.98
C GLY A 128 7.14 3.31 4.45
N LEU A 129 6.82 4.54 4.88
CA LEU A 129 6.99 4.90 6.29
C LEU A 129 6.19 3.97 7.20
N GLU A 130 4.95 3.62 6.82
CA GLU A 130 4.20 2.68 7.65
C GLU A 130 4.88 1.32 7.70
N LYS A 131 5.40 0.86 6.56
CA LYS A 131 6.09 -0.42 6.59
C LYS A 131 7.35 -0.37 7.45
N PHE A 132 8.02 0.77 7.50
CA PHE A 132 9.20 0.87 8.35
C PHE A 132 8.79 0.90 9.83
N TRP A 133 7.76 1.68 10.15
CA TRP A 133 7.21 1.66 11.50
C TRP A 133 6.79 0.25 11.92
N ALA A 134 6.14 -0.49 11.01
CA ALA A 134 5.72 -1.85 11.32
C ALA A 134 6.91 -2.76 11.60
N PHE A 135 7.98 -2.62 10.82
CA PHE A 135 9.18 -3.40 11.11
C PHE A 135 9.67 -3.15 12.53
N LEU A 136 9.67 -1.88 12.95
CA LEU A 136 10.11 -1.56 14.31
C LEU A 136 9.18 -2.13 15.36
N LYS A 137 7.88 -2.23 15.05
CA LYS A 137 6.94 -2.74 16.04
C LYS A 137 6.99 -4.26 16.16
N TYR A 138 7.30 -4.96 15.07
CA TYR A 138 7.28 -6.41 15.09
C TYR A 138 8.64 -7.05 15.34
N SER A 139 9.72 -6.37 14.97
CA SER A 139 11.05 -6.98 14.96
C SER A 139 11.65 -7.00 16.36
N LYS A 140 12.39 -8.07 16.64
CA LYS A 140 13.17 -8.17 17.87
C LYS A 140 14.54 -7.50 17.75
N ALA A 141 14.88 -6.95 16.60
CA ALA A 141 16.19 -6.34 16.42
C ALA A 141 16.34 -5.14 17.37
N LYS A 142 17.50 -5.05 17.99
CA LYS A 142 17.80 -3.98 18.93
C LYS A 142 19.03 -3.22 18.47
N ASN A 143 19.24 -2.06 19.08
CA ASN A 143 20.42 -1.24 18.81
C ASN A 143 20.55 -0.95 17.32
N LEU A 144 19.43 -0.59 16.70
CA LEU A 144 19.44 -0.17 15.31
C LEU A 144 19.99 1.25 15.20
N ASP A 145 20.81 1.49 14.18
CA ASP A 145 21.34 2.81 13.90
C ASP A 145 20.40 3.43 12.87
N ILE A 146 19.37 4.11 13.34
CA ILE A 146 18.36 4.65 12.44
C ILE A 146 18.75 6.08 12.06
N ASP A 147 18.75 6.35 10.77
CA ASP A 147 18.97 7.66 10.15
C ASP A 147 18.24 8.73 10.97
N PRO A 148 18.94 9.76 11.45
CA PRO A 148 18.27 10.75 12.30
C PRO A 148 17.14 11.50 11.59
N LYS A 149 17.23 11.67 10.27
CA LYS A 149 16.12 12.27 9.55
C LYS A 149 14.92 11.34 9.52
N LEU A 150 15.16 10.03 9.36
CA LEU A 150 14.05 9.09 9.40
C LEU A 150 13.40 9.06 10.77
N GLN A 151 14.20 9.14 11.83
CA GLN A 151 13.63 9.24 13.18
C GLN A 151 12.68 10.42 13.29
N GLU A 152 13.04 11.56 12.70
CA GLU A 152 12.15 12.71 12.72
C GLU A 152 10.86 12.41 11.96
N TYR A 153 10.98 11.74 10.81
CA TYR A 153 9.78 11.40 10.05
C TYR A 153 8.88 10.45 10.84
N LEU A 154 9.48 9.42 11.46
CA LEU A 154 8.69 8.48 12.24
C LEU A 154 8.02 9.16 13.43
N GLY A 155 8.65 10.21 13.98
CA GLY A 155 8.08 10.87 15.13
C GLY A 155 6.70 11.45 14.86
N LYS A 156 6.50 12.01 13.67
CA LYS A 156 5.18 12.51 13.32
C LYS A 156 4.28 11.40 12.79
N PHE A 157 4.86 10.45 12.06
CA PHE A 157 4.15 9.34 11.39
C PHE A 157 2.67 9.61 11.15
N HIS B 10 -2.12 15.29 28.08
CA HIS B 10 -2.63 16.60 27.68
C HIS B 10 -2.46 16.87 26.19
N MET B 11 -1.50 16.17 25.57
CA MET B 11 -1.17 16.45 24.19
C MET B 11 -1.35 15.23 23.28
N GLN B 12 -2.53 14.63 23.31
CA GLN B 12 -2.86 13.66 22.30
C GLN B 12 -3.28 14.38 21.03
N HIS B 13 -2.79 13.90 19.89
CA HIS B 13 -3.27 14.42 18.63
C HIS B 13 -4.80 14.31 18.58
N PRO B 14 -5.50 15.29 18.02
CA PRO B 14 -6.97 15.18 17.97
C PRO B 14 -7.47 13.89 17.36
N SER B 15 -6.79 13.35 16.35
CA SER B 15 -7.27 12.11 15.76
C SER B 15 -7.29 10.99 16.79
N HIS B 16 -6.30 10.95 17.67
CA HIS B 16 -6.25 9.90 18.68
C HIS B 16 -7.37 10.08 19.71
N GLU B 17 -7.57 11.31 20.19
CA GLU B 17 -8.67 11.58 21.10
C GLU B 17 -10.01 11.21 20.47
N LEU B 18 -10.20 11.57 19.20
CA LEU B 18 -11.48 11.33 18.54
C LEU B 18 -11.74 9.86 18.27
N LEU B 19 -10.70 9.02 18.17
CA LEU B 19 -10.89 7.60 17.92
C LEU B 19 -10.97 6.76 19.19
N LYS B 20 -10.67 7.32 20.36
CA LYS B 20 -10.89 6.62 21.61
C LYS B 20 -12.37 6.29 21.79
N GLU B 21 -12.65 5.21 22.51
CA GLU B 21 -14.03 4.81 22.75
C GLU B 21 -14.81 5.95 23.41
N ASN B 22 -15.95 6.30 22.80
CA ASN B 22 -16.81 7.37 23.28
C ASN B 22 -16.11 8.73 23.32
N GLY B 23 -14.93 8.85 22.72
CA GLY B 23 -14.15 10.06 22.79
C GLY B 23 -14.44 11.09 21.72
N PHE B 24 -15.32 10.79 20.77
CA PHE B 24 -15.61 11.75 19.71
C PHE B 24 -16.44 12.90 20.26
N THR B 25 -16.11 14.12 19.83
CA THR B 25 -17.01 15.25 20.03
C THR B 25 -17.00 16.08 18.76
N GLN B 26 -18.14 16.70 18.46
CA GLN B 26 -18.20 17.54 17.26
C GLN B 26 -17.28 18.73 17.40
N HIS B 27 -17.21 19.32 18.60
CA HIS B 27 -16.35 20.50 18.76
C HIS B 27 -14.91 20.19 18.37
N VAL B 28 -14.36 19.09 18.91
CA VAL B 28 -12.97 18.78 18.62
C VAL B 28 -12.81 18.38 17.16
N TYR B 29 -13.75 17.62 16.61
CA TYR B 29 -13.61 17.18 15.22
C TYR B 29 -13.67 18.36 14.27
N HIS B 30 -14.59 19.31 14.51
CA HIS B 30 -14.73 20.42 13.56
C HIS B 30 -13.49 21.30 13.57
N LYS B 31 -12.92 21.53 14.75
CA LYS B 31 -11.70 22.32 14.87
C LYS B 31 -10.56 21.64 14.13
N TYR B 32 -10.44 20.33 14.35
CA TYR B 32 -9.39 19.53 13.74
C TYR B 32 -9.51 19.50 12.21
N ARG B 33 -10.72 19.21 11.70
CA ARG B 33 -10.92 19.20 10.26
C ARG B 33 -10.60 20.55 9.63
N ARG B 34 -11.05 21.64 10.25
CA ARG B 34 -10.78 22.96 9.69
C ARG B 34 -9.28 23.22 9.60
N ARG B 35 -8.53 22.80 10.63
CA ARG B 35 -7.09 23.01 10.60
C ARG B 35 -6.45 22.21 9.48
N CYS B 36 -6.83 20.95 9.35
CA CYS B 36 -6.30 20.11 8.28
C CYS B 36 -6.59 20.71 6.91
N LEU B 37 -7.84 21.13 6.68
CA LEU B 37 -8.16 21.65 5.36
C LEU B 37 -7.45 22.97 5.11
N ASN B 38 -7.23 23.76 6.16
CA ASN B 38 -6.49 25.01 5.99
C ASN B 38 -5.04 24.73 5.60
N GLU B 39 -4.43 23.70 6.19
CA GLU B 39 -3.07 23.35 5.83
C GLU B 39 -3.03 22.77 4.42
N ARG B 40 -4.09 22.05 4.01
CA ARG B 40 -4.18 21.57 2.63
C ARG B 40 -4.21 22.74 1.66
N LYS B 41 -4.98 23.78 1.98
CA LYS B 41 -5.03 24.95 1.11
C LYS B 41 -3.70 25.71 1.11
N ARG B 42 -3.07 25.85 2.27
CA ARG B 42 -1.85 26.64 2.39
C ARG B 42 -0.68 25.94 1.71
N LEU B 43 -0.48 24.66 2.01
CA LEU B 43 0.69 23.93 1.52
C LEU B 43 0.48 23.26 0.18
N GLY B 44 -0.75 22.86 -0.14
CA GLY B 44 -1.04 22.23 -1.41
C GLY B 44 -1.35 20.75 -1.24
N ILE B 45 -2.02 20.20 -2.26
CA ILE B 45 -2.32 18.78 -2.28
C ILE B 45 -1.04 17.97 -2.15
N GLY B 46 -1.08 16.94 -1.30
CA GLY B 46 0.05 16.08 -1.04
C GLY B 46 1.14 16.64 -0.15
N GLN B 47 0.99 17.88 0.32
CA GLN B 47 2.08 18.57 0.99
C GLN B 47 1.85 18.72 2.48
N SER B 48 0.74 18.20 3.01
CA SER B 48 0.37 18.42 4.41
C SER B 48 0.29 17.09 5.14
N GLN B 49 1.14 16.91 6.16
CA GLN B 49 1.03 15.72 6.97
C GLN B 49 -0.22 15.74 7.84
N GLU B 50 -0.66 16.93 8.29
CA GLU B 50 -1.93 17.00 9.03
C GLU B 50 -3.07 16.47 8.19
N MET B 51 -3.11 16.84 6.91
CA MET B 51 -4.14 16.29 6.04
C MET B 51 -4.04 14.77 6.01
N ASN B 52 -2.82 14.22 5.96
CA ASN B 52 -2.71 12.77 6.00
C ASN B 52 -3.28 12.20 7.29
N THR B 53 -3.13 12.90 8.41
CA THR B 53 -3.73 12.34 9.64
C THR B 53 -5.25 12.28 9.53
N LEU B 54 -5.86 13.24 8.82
CA LEU B 54 -7.31 13.25 8.69
C LEU B 54 -7.77 12.11 7.79
N PHE B 55 -7.01 11.80 6.73
CA PHE B 55 -7.31 10.63 5.92
C PHE B 55 -7.33 9.37 6.78
N ARG B 56 -6.33 9.23 7.64
CA ARG B 56 -6.27 8.07 8.52
C ARG B 56 -7.44 8.07 9.49
N PHE B 57 -7.77 9.23 10.03
CA PHE B 57 -8.89 9.32 10.96
C PHE B 57 -10.19 8.85 10.31
N TRP B 58 -10.49 9.36 9.13
CA TRP B 58 -11.70 8.93 8.43
C TRP B 58 -11.65 7.44 8.16
N SER B 59 -10.51 6.95 7.68
CA SER B 59 -10.39 5.52 7.38
C SER B 59 -10.85 4.66 8.55
N PHE B 60 -10.46 5.01 9.77
CA PHE B 60 -10.84 4.19 10.91
C PHE B 60 -12.19 4.58 11.50
N PHE B 61 -12.46 5.88 11.62
CA PHE B 61 -13.68 6.29 12.31
C PHE B 61 -14.92 5.86 11.57
N LEU B 62 -14.87 5.87 10.22
CA LEU B 62 -16.03 5.47 9.45
C LEU B 62 -16.35 3.98 9.57
N ARG B 63 -15.42 3.15 10.05
CA ARG B 63 -15.71 1.73 10.19
C ARG B 63 -16.73 1.48 11.28
N ASP B 64 -16.69 2.28 12.35
CA ASP B 64 -17.59 2.10 13.48
C ASP B 64 -18.68 3.16 13.56
N HIS B 65 -18.50 4.31 12.90
CA HIS B 65 -19.46 5.41 12.98
C HIS B 65 -19.62 6.01 11.59
N PHE B 66 -20.16 5.22 10.66
CA PHE B 66 -20.28 5.70 9.29
C PHE B 66 -21.21 6.89 9.20
N ASN B 67 -20.84 7.86 8.38
CA ASN B 67 -21.75 8.96 8.08
C ASN B 67 -21.39 9.54 6.73
N LYS B 68 -22.42 9.92 5.98
CA LYS B 68 -22.27 10.28 4.58
C LYS B 68 -21.40 11.52 4.40
N LYS B 69 -21.57 12.53 5.25
CA LYS B 69 -20.83 13.77 5.06
C LYS B 69 -19.33 13.53 5.11
N MET B 70 -18.84 12.82 6.14
CA MET B 70 -17.41 12.52 6.20
C MET B 70 -16.98 11.64 5.03
N TYR B 71 -17.76 10.61 4.73
CA TYR B 71 -17.37 9.68 3.68
C TYR B 71 -17.23 10.39 2.34
N GLU B 72 -18.20 11.21 1.97
CA GLU B 72 -18.14 11.86 0.66
C GLU B 72 -16.93 12.78 0.55
N GLU B 73 -16.59 13.50 1.62
CA GLU B 73 -15.43 14.39 1.58
C GLU B 73 -14.15 13.58 1.52
N PHE B 74 -14.04 12.56 2.38
CA PHE B 74 -12.98 11.56 2.33
C PHE B 74 -12.73 11.08 0.90
N LYS B 75 -13.78 10.60 0.24
CA LYS B 75 -13.62 10.08 -1.11
C LYS B 75 -13.13 11.16 -2.06
N GLN B 76 -13.75 12.34 -2.00
CA GLN B 76 -13.41 13.41 -2.95
C GLN B 76 -11.95 13.81 -2.81
N LEU B 77 -11.50 14.05 -1.57
CA LEU B 77 -10.14 14.52 -1.37
C LEU B 77 -9.13 13.41 -1.62
N ALA B 78 -9.46 12.17 -1.27
CA ALA B 78 -8.57 11.06 -1.58
C ALA B 78 -8.33 10.97 -3.08
N LEU B 79 -9.38 11.14 -3.87
CA LEU B 79 -9.22 11.07 -5.32
C LEU B 79 -8.45 12.27 -5.87
N GLU B 80 -8.62 13.45 -5.26
CA GLU B 80 -7.85 14.61 -5.70
C GLU B 80 -6.36 14.38 -5.49
N ASP B 81 -5.98 13.89 -4.32
CA ASP B 81 -4.57 13.58 -4.07
C ASP B 81 -4.06 12.56 -5.09
N ALA B 82 -4.84 11.50 -5.31
CA ALA B 82 -4.36 10.42 -6.16
C ALA B 82 -4.19 10.88 -7.60
N LYS B 83 -4.98 11.86 -8.03
CA LYS B 83 -4.83 12.41 -9.37
C LYS B 83 -3.46 13.04 -9.57
N GLU B 84 -2.86 13.55 -8.49
CA GLU B 84 -1.54 14.16 -8.54
C GLU B 84 -0.44 13.20 -8.12
N GLY B 85 -0.79 11.93 -7.90
CA GLY B 85 0.19 10.90 -7.65
C GLY B 85 0.41 10.61 -6.18
N TYR B 86 -0.32 11.28 -5.30
CA TYR B 86 -0.20 11.07 -3.86
C TYR B 86 -1.21 10.01 -3.43
N ARG B 87 -0.73 8.88 -2.91
CA ARG B 87 -1.54 7.67 -2.78
C ARG B 87 -2.21 7.51 -1.41
N TYR B 88 -1.77 8.25 -0.38
CA TYR B 88 -2.13 7.85 0.97
C TYR B 88 -3.63 7.99 1.22
N GLY B 89 -4.26 9.06 0.74
CA GLY B 89 -5.69 9.19 0.95
C GLY B 89 -6.47 8.04 0.34
N LEU B 90 -6.12 7.65 -0.88
CA LEU B 90 -6.83 6.58 -1.56
C LEU B 90 -6.52 5.23 -0.90
N GLU B 91 -5.27 5.04 -0.46
CA GLU B 91 -4.94 3.86 0.35
C GLU B 91 -5.82 3.79 1.59
N CYS B 92 -5.98 4.92 2.27
CA CYS B 92 -6.85 4.95 3.45
C CYS B 92 -8.28 4.62 3.07
N LEU B 93 -8.73 5.08 1.90
CA LEU B 93 -10.09 4.80 1.47
C LEU B 93 -10.28 3.32 1.17
N PHE B 94 -9.33 2.70 0.48
CA PHE B 94 -9.45 1.28 0.22
C PHE B 94 -9.41 0.47 1.50
N ARG B 95 -8.61 0.90 2.49
CA ARG B 95 -8.61 0.23 3.78
C ARG B 95 -9.98 0.37 4.45
N TYR B 96 -10.58 1.56 4.39
CA TYR B 96 -11.93 1.69 4.92
C TYR B 96 -12.89 0.75 4.21
N TYR B 97 -12.87 0.73 2.87
CA TYR B 97 -13.77 -0.15 2.14
C TYR B 97 -13.60 -1.59 2.59
N SER B 98 -12.35 -2.08 2.62
CA SER B 98 -12.12 -3.50 2.86
C SER B 98 -12.46 -3.88 4.29
N TYR B 99 -11.92 -3.15 5.27
CA TYR B 99 -12.19 -3.48 6.66
C TYR B 99 -13.54 -2.97 7.11
N GLY B 100 -13.99 -1.82 6.60
CA GLY B 100 -15.27 -1.28 7.06
C GLY B 100 -16.45 -2.08 6.57
N LEU B 101 -16.48 -2.41 5.27
CA LEU B 101 -17.60 -3.17 4.72
C LEU B 101 -17.60 -4.60 5.24
N GLU B 102 -16.45 -5.13 5.63
CA GLU B 102 -16.41 -6.44 6.28
C GLU B 102 -17.09 -6.39 7.65
N LYS B 103 -16.98 -5.26 8.34
CA LYS B 103 -17.62 -5.11 9.65
C LYS B 103 -19.11 -4.82 9.50
N LYS B 104 -19.48 -3.91 8.60
CA LYS B 104 -20.87 -3.52 8.41
C LYS B 104 -21.09 -3.29 6.92
N PHE B 105 -21.79 -4.21 6.27
CA PHE B 105 -21.97 -4.14 4.82
C PHE B 105 -22.99 -3.06 4.48
N ARG B 106 -22.73 -2.34 3.39
CA ARG B 106 -23.61 -1.29 2.91
C ARG B 106 -23.57 -1.33 1.39
N LEU B 107 -24.73 -1.52 0.77
CA LEU B 107 -24.76 -1.78 -0.67
C LEU B 107 -24.18 -0.61 -1.46
N ASP B 108 -24.61 0.61 -1.13
CA ASP B 108 -24.16 1.76 -1.92
C ASP B 108 -22.67 1.98 -1.77
N ILE B 109 -22.12 1.75 -0.57
CA ILE B 109 -20.68 1.87 -0.39
C ILE B 109 -19.95 0.73 -1.08
N PHE B 110 -20.54 -0.47 -1.11
CA PHE B 110 -19.89 -1.58 -1.82
C PHE B 110 -19.83 -1.28 -3.31
N LYS B 111 -20.87 -0.66 -3.86
CA LYS B 111 -20.83 -0.26 -5.27
C LYS B 111 -19.73 0.76 -5.52
N ASP B 112 -19.53 1.69 -4.59
CA ASP B 112 -18.39 2.60 -4.68
C ASP B 112 -17.09 1.84 -4.63
N PHE B 113 -17.00 0.85 -3.73
CA PHE B 113 -15.77 0.05 -3.62
C PHE B 113 -15.43 -0.56 -4.97
N GLN B 114 -16.42 -1.16 -5.64
CA GLN B 114 -16.15 -1.75 -6.94
C GLN B 114 -15.72 -0.68 -7.95
N GLU B 115 -16.42 0.46 -7.96
CA GLU B 115 -16.11 1.51 -8.91
C GLU B 115 -14.69 2.04 -8.73
N GLU B 116 -14.28 2.27 -7.47
CA GLU B 116 -12.96 2.83 -7.24
C GLU B 116 -11.87 1.80 -7.49
N THR B 117 -12.16 0.52 -7.27
CA THR B 117 -11.19 -0.53 -7.58
C THR B 117 -10.97 -0.64 -9.09
N VAL B 118 -12.05 -0.61 -9.86
CA VAL B 118 -11.92 -0.67 -11.31
C VAL B 118 -11.03 0.46 -11.80
N LYS B 119 -11.28 1.68 -11.29
CA LYS B 119 -10.47 2.83 -11.68
C LYS B 119 -9.01 2.64 -11.30
N ASP B 120 -8.77 2.19 -10.07
CA ASP B 120 -7.40 2.00 -9.59
C ASP B 120 -6.67 0.98 -10.47
N TYR B 121 -7.32 -0.13 -10.79
CA TYR B 121 -6.69 -1.15 -11.63
C TYR B 121 -6.45 -0.63 -13.05
N GLU B 122 -7.40 0.11 -13.62
CA GLU B 122 -7.21 0.63 -14.96
C GLU B 122 -6.15 1.72 -14.99
N ALA B 123 -5.88 2.35 -13.84
CA ALA B 123 -4.80 3.31 -13.69
C ALA B 123 -3.45 2.65 -13.47
N GLY B 124 -3.39 1.32 -13.46
CA GLY B 124 -2.12 0.62 -13.39
C GLY B 124 -1.65 0.28 -11.99
N GLN B 125 -2.54 0.35 -11.01
CA GLN B 125 -2.24 0.03 -9.62
C GLN B 125 -2.89 -1.28 -9.22
N LEU B 126 -2.32 -1.93 -8.22
CA LEU B 126 -2.95 -3.12 -7.65
C LEU B 126 -3.36 -2.94 -6.19
N TYR B 127 -3.14 -1.77 -5.58
CA TYR B 127 -3.48 -1.62 -4.16
C TYR B 127 -4.97 -1.88 -3.93
N GLY B 128 -5.83 -1.25 -4.73
CA GLY B 128 -7.26 -1.44 -4.52
C GLY B 128 -7.73 -2.84 -4.84
N LEU B 129 -7.24 -3.42 -5.92
CA LEU B 129 -7.66 -4.76 -6.28
C LEU B 129 -7.32 -5.75 -5.17
N GLU B 130 -6.16 -5.58 -4.54
CA GLU B 130 -5.78 -6.46 -3.44
C GLU B 130 -6.71 -6.28 -2.25
N LYS B 131 -7.05 -5.03 -1.93
CA LYS B 131 -7.99 -4.80 -0.84
C LYS B 131 -9.38 -5.33 -1.18
N PHE B 132 -9.76 -5.30 -2.45
CA PHE B 132 -11.05 -5.86 -2.84
C PHE B 132 -11.03 -7.38 -2.72
N TRP B 133 -9.97 -8.01 -3.25
CA TRP B 133 -9.80 -9.44 -3.09
C TRP B 133 -9.83 -9.83 -1.60
N ALA B 134 -9.15 -9.06 -0.76
CA ALA B 134 -9.14 -9.34 0.67
C ALA B 134 -10.54 -9.24 1.27
N PHE B 135 -11.33 -8.26 0.82
CA PHE B 135 -12.70 -8.17 1.31
C PHE B 135 -13.49 -9.43 0.97
N LEU B 136 -13.32 -9.96 -0.24
CA LEU B 136 -14.04 -11.18 -0.61
C LEU B 136 -13.60 -12.36 0.23
N LYS B 137 -12.33 -12.40 0.65
CA LYS B 137 -11.84 -13.53 1.43
C LYS B 137 -12.39 -13.50 2.85
N TYR B 138 -12.50 -12.32 3.45
CA TYR B 138 -12.87 -12.22 4.84
C TYR B 138 -14.34 -11.86 5.05
N SER B 139 -15.01 -11.32 4.05
CA SER B 139 -16.42 -11.00 4.19
C SER B 139 -17.25 -12.26 4.42
N LYS B 140 -18.28 -12.12 5.26
CA LYS B 140 -19.24 -13.19 5.49
C LYS B 140 -20.54 -13.00 4.73
N ALA B 141 -20.62 -11.98 3.88
CA ALA B 141 -21.85 -11.70 3.14
C ALA B 141 -22.18 -12.85 2.18
N LEU B 144 -23.24 -11.40 -3.17
CA LEU B 144 -22.61 -10.18 -3.67
C LEU B 144 -22.65 -10.10 -5.19
N ASP B 145 -23.24 -9.04 -5.72
CA ASP B 145 -23.27 -8.77 -7.15
C ASP B 145 -21.99 -8.02 -7.52
N ILE B 146 -21.05 -8.72 -8.15
CA ILE B 146 -19.75 -8.15 -8.48
C ILE B 146 -19.71 -7.81 -9.96
N ASP B 147 -19.27 -6.59 -10.26
CA ASP B 147 -19.12 -6.09 -11.62
C ASP B 147 -18.37 -7.11 -12.50
N PRO B 148 -18.95 -7.56 -13.60
CA PRO B 148 -18.26 -8.59 -14.40
C PRO B 148 -16.89 -8.16 -14.90
N LYS B 149 -16.69 -6.88 -15.17
CA LYS B 149 -15.35 -6.43 -15.55
C LYS B 149 -14.38 -6.54 -14.37
N LEU B 150 -14.85 -6.17 -13.17
CA LEU B 150 -14.04 -6.36 -11.97
C LEU B 150 -13.75 -7.84 -11.74
N GLN B 151 -14.74 -8.71 -11.96
CA GLN B 151 -14.50 -10.15 -11.88
C GLN B 151 -13.38 -10.57 -12.82
N GLU B 152 -13.35 -10.02 -14.04
CA GLU B 152 -12.27 -10.34 -14.97
C GLU B 152 -10.92 -9.95 -14.40
N TYR B 153 -10.85 -8.76 -13.80
CA TYR B 153 -9.57 -8.30 -13.24
C TYR B 153 -9.14 -9.18 -12.07
N LEU B 154 -10.09 -9.62 -11.25
CA LEU B 154 -9.78 -10.50 -10.13
C LEU B 154 -9.25 -11.86 -10.59
N GLY B 155 -9.49 -12.22 -11.85
CA GLY B 155 -9.21 -13.58 -12.29
C GLY B 155 -7.76 -14.00 -12.12
N LYS B 156 -6.83 -13.06 -12.31
CA LYS B 156 -5.41 -13.40 -12.20
C LYS B 156 -5.07 -13.93 -10.81
N PHE B 157 -5.63 -13.32 -9.77
CA PHE B 157 -5.35 -13.72 -8.40
C PHE B 157 -5.80 -15.15 -8.13
N ARG B 159 -4.67 -18.42 -11.58
CA ARG B 159 -4.77 -18.13 -10.16
C ARG B 159 -3.41 -18.26 -9.47
N LEU B 160 -3.23 -17.49 -8.40
CA LEU B 160 -1.98 -17.52 -7.64
C LEU B 160 -2.11 -18.37 -6.39
#